data_7R3L
#
_entry.id   7R3L
#
_cell.length_a   81.884
_cell.length_b   83.748
_cell.length_c   80.028
_cell.angle_alpha   90.000
_cell.angle_beta   115.740
_cell.angle_gamma   90.000
#
_symmetry.space_group_name_H-M   'C 1 2 1'
#
loop_
_entity.id
_entity.type
_entity.pdbx_description
1 polymer 'Poly [ADP-ribose] polymerase 14'
2 non-polymer 6-methyl-[1,2,4]triazolo[3,4-b][1,3]benzothiazole
3 non-polymer 'CHLORIDE ION'
4 non-polymer 'TETRAETHYLENE GLYCOL'
5 water water
#
_entity_poly.entity_id   1
_entity_poly.type   'polypeptide(L)'
_entity_poly.pdbx_seq_one_letter_code
;SMDMKQQNFCVVELLPSDPEYNTVASKFNQTCSHFRIEKIERIQNPDLWNSYQAKKKTMDAKNGQTMNEKQLFHGTDAGS
VPHVNRNGFNRSYAGKNAVAYGKGTYFAVNANYSANDTYSRPDANGRKHVYYVRVLTGIYTHGNHSLIVPPSKNPQNPTD
LYDTVTDNVHHPSLFVAFYDYQAYPEYLITFRK
;
_entity_poly.pdbx_strand_id   A,B
#
loop_
_chem_comp.id
_chem_comp.type
_chem_comp.name
_chem_comp.formula
CL non-polymer 'CHLORIDE ION' 'Cl -1'
I1Q non-polymer 6-methyl-[1,2,4]triazolo[3,4-b][1,3]benzothiazole 'C9 H7 N3 S'
PG4 non-polymer 'TETRAETHYLENE GLYCOL' 'C8 H18 O5'
#
# COMPACT_ATOMS: atom_id res chain seq x y z
N LYS A 5 -17.16 -13.02 -22.87
CA LYS A 5 -16.65 -14.04 -21.94
C LYS A 5 -15.12 -14.05 -21.92
N GLN A 6 -14.45 -13.90 -23.06
CA GLN A 6 -12.96 -13.91 -23.12
C GLN A 6 -12.38 -12.61 -22.58
N GLN A 7 -13.07 -11.48 -22.77
CA GLN A 7 -12.62 -10.12 -22.40
C GLN A 7 -11.26 -9.84 -23.07
N ASN A 8 -11.16 -10.13 -24.36
CA ASN A 8 -10.01 -9.69 -25.18
C ASN A 8 -10.02 -8.17 -25.21
N PHE A 9 -8.86 -7.57 -25.48
CA PHE A 9 -8.67 -6.11 -25.37
C PHE A 9 -7.66 -5.63 -26.40
N CYS A 10 -7.74 -4.33 -26.65
CA CYS A 10 -6.85 -3.56 -27.52
C CYS A 10 -6.28 -2.43 -26.68
N VAL A 11 -5.06 -2.06 -27.00
CA VAL A 11 -4.36 -0.96 -26.29
C VAL A 11 -4.01 0.09 -27.35
N VAL A 12 -4.69 1.24 -27.24
CA VAL A 12 -4.57 2.37 -28.18
C VAL A 12 -3.76 3.48 -27.52
N GLU A 13 -2.57 3.74 -28.04
CA GLU A 13 -1.72 4.83 -27.51
C GLU A 13 -2.34 6.15 -27.98
N LEU A 14 -2.62 7.07 -27.07
CA LEU A 14 -3.14 8.41 -27.44
C LEU A 14 -2.00 9.21 -28.05
N LEU A 15 -2.25 9.84 -29.19
CA LEU A 15 -1.32 10.88 -29.72
C LEU A 15 -1.35 12.03 -28.73
N PRO A 16 -0.21 12.70 -28.48
CA PRO A 16 -0.18 13.91 -27.65
C PRO A 16 -1.25 14.95 -28.01
N SER A 17 -1.59 15.04 -29.30
CA SER A 17 -2.62 15.96 -29.88
C SER A 17 -4.05 15.44 -29.72
N ASP A 18 -4.26 14.20 -29.27
CA ASP A 18 -5.62 13.67 -28.98
CA ASP A 18 -5.62 13.67 -28.98
C ASP A 18 -6.18 14.45 -27.79
N PRO A 19 -7.41 15.01 -27.89
CA PRO A 19 -7.99 15.78 -26.79
C PRO A 19 -7.96 15.04 -25.44
N GLU A 20 -8.20 13.74 -25.48
CA GLU A 20 -8.25 12.85 -24.28
C GLU A 20 -6.89 12.87 -23.58
N TYR A 21 -5.78 12.98 -24.31
CA TYR A 21 -4.42 13.05 -23.74
C TYR A 21 -4.32 14.27 -22.81
N ASN A 22 -4.65 15.46 -23.35
CA ASN A 22 -4.68 16.71 -22.54
C ASN A 22 -5.59 16.51 -21.31
N THR A 23 -6.77 15.92 -21.53
CA THR A 23 -7.77 15.75 -20.44
C THR A 23 -7.17 14.84 -19.34
N VAL A 24 -6.63 13.68 -19.69
CA VAL A 24 -6.10 12.73 -18.68
C VAL A 24 -4.87 13.36 -18.01
N ALA A 25 -3.95 13.91 -18.80
CA ALA A 25 -2.73 14.58 -18.28
C ALA A 25 -3.12 15.69 -17.29
N SER A 26 -4.13 16.51 -17.58
CA SER A 26 -4.52 17.64 -16.68
C SER A 26 -4.92 17.09 -15.30
N LYS A 27 -5.71 16.02 -15.26
CA LYS A 27 -6.17 15.45 -13.96
C LYS A 27 -4.95 14.91 -13.19
N PHE A 28 -4.13 14.09 -13.84
CA PHE A 28 -2.87 13.55 -13.26
C PHE A 28 -2.04 14.72 -12.70
N ASN A 29 -1.93 15.80 -13.48
CA ASN A 29 -1.06 16.98 -13.17
C ASN A 29 -1.64 17.82 -12.02
N GLN A 30 -2.88 17.63 -11.61
CA GLN A 30 -3.39 18.32 -10.39
C GLN A 30 -2.46 17.98 -9.20
N THR A 31 -1.88 16.77 -9.14
CA THR A 31 -1.06 16.37 -7.97
C THR A 31 0.27 15.72 -8.38
N CYS A 32 0.50 15.46 -9.66
CA CYS A 32 1.68 14.68 -10.11
C CYS A 32 2.48 15.43 -11.17
N SER A 33 2.37 16.77 -11.22
CA SER A 33 3.08 17.60 -12.22
C SER A 33 4.61 17.39 -12.18
N HIS A 34 5.19 17.01 -11.03
CA HIS A 34 6.67 16.79 -10.91
C HIS A 34 7.11 15.49 -11.64
N PHE A 35 6.21 14.58 -12.01
CA PHE A 35 6.53 13.33 -12.78
C PHE A 35 6.51 13.66 -14.28
N ARG A 36 7.21 12.86 -15.08
CA ARG A 36 7.24 12.97 -16.55
C ARG A 36 6.37 11.85 -17.12
N ILE A 37 5.26 12.23 -17.79
CA ILE A 37 4.36 11.26 -18.48
C ILE A 37 5.09 10.78 -19.73
N GLU A 38 5.26 9.47 -19.91
CA GLU A 38 5.88 8.91 -21.14
C GLU A 38 4.82 8.56 -22.16
N LYS A 39 3.67 8.04 -21.71
CA LYS A 39 2.54 7.75 -22.63
C LYS A 39 1.25 7.56 -21.84
N ILE A 40 0.16 7.76 -22.55
CA ILE A 40 -1.22 7.50 -22.06
C ILE A 40 -1.88 6.60 -23.10
N GLU A 41 -2.44 5.48 -22.62
CA GLU A 41 -3.10 4.46 -23.46
C GLU A 41 -4.56 4.31 -23.06
N ARG A 42 -5.43 4.16 -24.07
CA ARG A 42 -6.85 3.77 -23.85
CA ARG A 42 -6.85 3.77 -23.85
C ARG A 42 -6.92 2.23 -23.93
N ILE A 43 -7.55 1.62 -22.95
CA ILE A 43 -7.83 0.16 -22.94
C ILE A 43 -9.24 -0.07 -23.48
N GLN A 44 -9.34 -0.80 -24.59
CA GLN A 44 -10.61 -1.12 -25.26
C GLN A 44 -10.89 -2.60 -25.05
N ASN A 45 -11.82 -2.88 -24.14
CA ASN A 45 -12.24 -4.25 -23.74
C ASN A 45 -13.76 -4.29 -23.78
N PRO A 46 -14.35 -4.58 -24.97
CA PRO A 46 -15.80 -4.56 -25.16
C PRO A 46 -16.58 -5.37 -24.11
N ASP A 47 -16.15 -6.60 -23.80
CA ASP A 47 -16.85 -7.48 -22.83
C ASP A 47 -16.82 -6.84 -21.43
N LEU A 48 -15.64 -6.48 -20.94
CA LEU A 48 -15.45 -5.78 -19.65
C LEU A 48 -16.28 -4.48 -19.60
N TRP A 49 -16.23 -3.68 -20.66
CA TRP A 49 -16.95 -2.39 -20.79
C TRP A 49 -18.46 -2.63 -20.71
N ASN A 50 -18.97 -3.62 -21.46
CA ASN A 50 -20.41 -3.93 -21.48
C ASN A 50 -20.84 -4.36 -20.08
N SER A 51 -20.07 -5.23 -19.43
CA SER A 51 -20.37 -5.71 -18.05
C SER A 51 -20.40 -4.51 -17.09
N TYR A 52 -19.49 -3.55 -17.26
CA TYR A 52 -19.38 -2.35 -16.38
C TYR A 52 -20.62 -1.45 -16.61
N GLN A 53 -21.00 -1.24 -17.86
CA GLN A 53 -22.21 -0.43 -18.24
C GLN A 53 -23.49 -1.11 -17.73
N ALA A 54 -23.59 -2.43 -17.76
CA ALA A 54 -24.72 -3.19 -17.16
C ALA A 54 -24.84 -2.82 -15.67
N LYS A 55 -23.74 -2.84 -14.92
CA LYS A 55 -23.77 -2.52 -13.48
C LYS A 55 -24.07 -1.02 -13.28
N LYS A 56 -23.56 -0.15 -14.14
CA LYS A 56 -23.86 1.30 -14.05
C LYS A 56 -25.37 1.51 -14.24
N LYS A 57 -25.98 0.81 -15.20
CA LYS A 57 -27.41 1.02 -15.54
C LYS A 57 -28.26 0.61 -14.32
N THR A 58 -27.94 -0.53 -13.69
CA THR A 58 -28.60 -1.01 -12.47
C THR A 58 -28.46 0.03 -11.36
N MET A 59 -27.24 0.53 -11.14
CA MET A 59 -26.98 1.49 -10.03
C MET A 59 -27.70 2.81 -10.31
N ASP A 60 -27.67 3.28 -11.55
CA ASP A 60 -28.38 4.50 -12.01
C ASP A 60 -29.90 4.35 -11.77
N ALA A 61 -30.47 3.14 -11.87
CA ALA A 61 -31.91 2.88 -11.62
C ALA A 61 -32.19 2.86 -10.10
N LYS A 62 -31.17 2.75 -9.26
CA LYS A 62 -31.30 2.48 -7.82
C LYS A 62 -31.09 3.77 -7.00
N ASN A 63 -30.15 4.64 -7.37
CA ASN A 63 -29.56 5.63 -6.43
C ASN A 63 -30.08 7.04 -6.69
N GLY A 64 -31.15 7.17 -7.48
CA GLY A 64 -31.86 8.45 -7.70
C GLY A 64 -30.96 9.50 -8.31
N GLN A 65 -30.78 10.64 -7.63
CA GLN A 65 -29.98 11.80 -8.11
C GLN A 65 -28.47 11.54 -7.98
N THR A 66 -28.06 10.44 -7.34
CA THR A 66 -26.62 10.17 -7.07
C THR A 66 -25.89 10.12 -8.40
N MET A 67 -24.81 10.90 -8.55
CA MET A 67 -23.80 10.70 -9.63
C MET A 67 -22.97 9.49 -9.24
N ASN A 68 -23.26 8.33 -9.83
CA ASN A 68 -22.75 7.03 -9.34
C ASN A 68 -21.30 6.80 -9.77
N GLU A 69 -20.82 7.49 -10.80
CA GLU A 69 -19.50 7.21 -11.41
C GLU A 69 -18.52 8.31 -11.02
N LYS A 70 -17.28 7.95 -10.66
CA LYS A 70 -16.16 8.90 -10.52
C LYS A 70 -15.00 8.38 -11.36
N GLN A 71 -14.08 9.26 -11.73
CA GLN A 71 -12.82 8.84 -12.38
C GLN A 71 -11.72 8.98 -11.34
N LEU A 72 -11.14 7.84 -10.95
CA LEU A 72 -10.18 7.72 -9.83
C LEU A 72 -8.89 7.07 -10.33
N PHE A 73 -7.87 7.04 -9.48
CA PHE A 73 -6.53 6.51 -9.84
C PHE A 73 -6.31 5.18 -9.13
N HIS A 74 -5.57 4.28 -9.80
CA HIS A 74 -5.09 3.01 -9.21
C HIS A 74 -3.70 2.71 -9.75
N GLY A 75 -2.74 2.62 -8.83
CA GLY A 75 -1.36 2.23 -9.15
C GLY A 75 -1.24 0.72 -9.23
N THR A 76 -0.43 0.23 -10.16
CA THR A 76 -0.15 -1.21 -10.35
C THR A 76 1.33 -1.36 -10.67
N ASP A 77 1.87 -2.54 -10.44
CA ASP A 77 3.22 -2.88 -10.98
C ASP A 77 3.09 -3.15 -12.49
N ALA A 78 4.22 -3.13 -13.21
CA ALA A 78 4.26 -3.30 -14.67
C ALA A 78 3.64 -4.65 -15.03
N GLY A 79 3.93 -5.69 -14.25
CA GLY A 79 3.54 -7.08 -14.55
C GLY A 79 2.04 -7.30 -14.53
N SER A 80 1.30 -6.48 -13.78
CA SER A 80 -0.16 -6.66 -13.61
C SER A 80 -0.94 -6.03 -14.77
N VAL A 81 -0.30 -5.24 -15.62
CA VAL A 81 -0.99 -4.41 -16.65
C VAL A 81 -1.81 -5.32 -17.58
N PRO A 82 -1.25 -6.41 -18.14
CA PRO A 82 -2.05 -7.29 -19.00
C PRO A 82 -3.24 -7.94 -18.28
N HIS A 83 -3.05 -8.33 -17.01
CA HIS A 83 -4.13 -8.85 -16.14
C HIS A 83 -5.28 -7.82 -15.97
N VAL A 84 -4.96 -6.56 -15.65
CA VAL A 84 -5.99 -5.49 -15.45
C VAL A 84 -6.66 -5.17 -16.79
N ASN A 85 -5.90 -5.11 -17.89
CA ASN A 85 -6.47 -4.80 -19.22
C ASN A 85 -7.54 -5.84 -19.59
N ARG A 86 -7.36 -7.09 -19.21
CA ARG A 86 -8.32 -8.18 -19.52
C ARG A 86 -9.44 -8.23 -18.47
N ASN A 87 -9.11 -8.16 -17.18
CA ASN A 87 -10.01 -8.57 -16.07
C ASN A 87 -10.54 -7.36 -15.30
N GLY A 88 -10.03 -6.15 -15.59
CA GLY A 88 -10.22 -5.00 -14.71
C GLY A 88 -9.70 -5.33 -13.31
N PHE A 89 -10.45 -4.96 -12.28
CA PHE A 89 -10.02 -5.16 -10.87
C PHE A 89 -10.83 -6.28 -10.23
N ASN A 90 -11.54 -7.07 -11.02
CA ASN A 90 -12.30 -8.25 -10.53
C ASN A 90 -11.35 -9.18 -9.75
N ARG A 91 -11.72 -9.60 -8.54
CA ARG A 91 -10.85 -10.39 -7.61
C ARG A 91 -11.49 -11.77 -7.36
N GLY A 104 -11.10 -6.07 -1.28
CA GLY A 104 -11.55 -5.15 -2.35
C GLY A 104 -10.41 -4.31 -2.89
N THR A 105 -10.68 -3.38 -3.79
CA THR A 105 -9.66 -2.61 -4.54
C THR A 105 -9.72 -1.14 -4.10
N TYR A 106 -8.56 -0.53 -3.90
CA TYR A 106 -8.41 0.88 -3.47
C TYR A 106 -8.27 1.77 -4.69
N PHE A 107 -9.10 2.80 -4.75
CA PHE A 107 -8.98 3.87 -5.76
C PHE A 107 -8.78 5.22 -5.08
N ALA A 108 -7.84 6.00 -5.59
CA ALA A 108 -7.47 7.32 -5.05
C ALA A 108 -8.19 8.42 -5.84
N VAL A 109 -8.61 9.48 -5.16
CA VAL A 109 -9.16 10.70 -5.80
C VAL A 109 -8.00 11.41 -6.51
N ASN A 110 -6.83 11.47 -5.88
CA ASN A 110 -5.65 12.19 -6.42
C ASN A 110 -4.59 11.18 -6.86
N ALA A 111 -3.98 11.44 -8.01
CA ALA A 111 -2.92 10.60 -8.62
C ALA A 111 -1.73 10.45 -7.68
N ASN A 112 -1.36 11.48 -6.90
CA ASN A 112 -0.13 11.43 -6.07
C ASN A 112 -0.22 10.26 -5.09
N TYR A 113 -1.40 9.89 -4.64
CA TYR A 113 -1.60 8.73 -3.74
C TYR A 113 -1.17 7.44 -4.47
N SER A 114 -1.74 7.20 -5.65
CA SER A 114 -1.42 6.02 -6.50
C SER A 114 0.05 6.05 -6.98
N ALA A 115 0.62 7.24 -7.11
CA ALA A 115 1.98 7.46 -7.66
C ALA A 115 3.05 7.08 -6.62
N ASN A 116 2.66 6.77 -5.39
CA ASN A 116 3.59 6.24 -4.35
C ASN A 116 4.20 4.93 -4.88
N ASP A 117 5.48 4.69 -4.59
CA ASP A 117 6.26 3.53 -5.15
C ASP A 117 5.67 2.21 -4.64
N THR A 118 4.98 2.22 -3.49
CA THR A 118 4.33 0.99 -2.97
C THR A 118 3.20 0.55 -3.91
N TYR A 119 2.44 1.48 -4.51
CA TYR A 119 1.23 1.18 -5.33
C TYR A 119 1.58 1.17 -6.83
N SER A 120 2.44 2.06 -7.32
CA SER A 120 2.94 2.10 -8.71
C SER A 120 4.44 1.77 -8.71
N ARG A 121 4.75 0.51 -8.44
CA ARG A 121 6.15 0.04 -8.31
C ARG A 121 6.89 0.37 -9.60
N PRO A 122 7.99 1.15 -9.52
CA PRO A 122 8.88 1.36 -10.65
C PRO A 122 9.39 0.01 -11.18
N ASP A 123 9.40 -0.18 -12.50
CA ASP A 123 9.87 -1.42 -13.12
C ASP A 123 11.39 -1.33 -13.30
N ALA A 124 11.98 -2.32 -13.95
CA ALA A 124 13.44 -2.43 -14.19
C ALA A 124 13.96 -1.22 -14.97
N ASN A 125 13.09 -0.45 -15.63
CA ASN A 125 13.47 0.77 -16.41
C ASN A 125 13.09 2.07 -15.70
N GLY A 126 12.66 2.02 -14.43
CA GLY A 126 12.19 3.19 -13.67
C GLY A 126 10.80 3.65 -14.10
N ARG A 127 10.04 2.85 -14.85
CA ARG A 127 8.69 3.26 -15.33
C ARG A 127 7.63 2.84 -14.30
N LYS A 128 6.70 3.76 -14.07
CA LYS A 128 5.55 3.63 -13.14
C LYS A 128 4.25 3.67 -13.95
N HIS A 129 3.23 3.00 -13.42
CA HIS A 129 1.95 2.69 -14.09
C HIS A 129 0.81 3.01 -13.13
N VAL A 130 -0.02 3.97 -13.53
CA VAL A 130 -1.28 4.34 -12.84
C VAL A 130 -2.41 4.37 -13.90
N TYR A 131 -3.50 3.65 -13.60
CA TYR A 131 -4.77 3.71 -14.36
C TYR A 131 -5.61 4.88 -13.86
N TYR A 132 -6.32 5.47 -14.80
CA TYR A 132 -7.39 6.46 -14.58
C TYR A 132 -8.71 5.75 -14.90
N VAL A 133 -9.41 5.38 -13.83
CA VAL A 133 -10.42 4.28 -13.80
C VAL A 133 -11.80 4.90 -13.62
N ARG A 134 -12.79 4.40 -14.37
CA ARG A 134 -14.22 4.72 -14.11
C ARG A 134 -14.66 3.80 -12.99
N VAL A 135 -15.10 4.38 -11.88
CA VAL A 135 -15.47 3.59 -10.69
C VAL A 135 -16.91 3.97 -10.35
N LEU A 136 -17.73 2.94 -10.10
CA LEU A 136 -19.12 3.13 -9.63
C LEU A 136 -19.07 3.28 -8.11
N THR A 137 -18.74 4.47 -7.63
CA THR A 137 -18.71 4.81 -6.17
C THR A 137 -20.12 4.75 -5.57
N GLY A 138 -21.14 5.07 -6.38
CA GLY A 138 -22.54 5.10 -5.93
C GLY A 138 -22.71 5.80 -4.59
N ILE A 139 -23.46 5.16 -3.71
CA ILE A 139 -23.72 5.60 -2.32
C ILE A 139 -22.73 4.88 -1.42
N TYR A 140 -21.96 5.65 -0.66
CA TYR A 140 -20.82 5.20 0.15
C TYR A 140 -20.92 5.68 1.60
N THR A 141 -20.20 5.00 2.48
CA THR A 141 -20.10 5.29 3.93
C THR A 141 -18.64 5.10 4.36
N HIS A 142 -18.32 5.56 5.58
CA HIS A 142 -17.00 5.38 6.24
C HIS A 142 -16.72 3.89 6.41
N GLY A 143 -15.46 3.47 6.19
CA GLY A 143 -14.98 2.10 6.36
C GLY A 143 -13.53 2.07 6.84
N VAL A 149 -16.97 -7.06 1.80
CA VAL A 149 -18.34 -6.64 1.39
C VAL A 149 -18.77 -5.50 2.31
N PRO A 150 -19.37 -4.40 1.78
CA PRO A 150 -19.76 -3.26 2.61
C PRO A 150 -20.91 -3.62 3.55
N PRO A 151 -21.16 -2.79 4.59
CA PRO A 151 -22.22 -3.07 5.57
C PRO A 151 -23.65 -2.86 5.01
N SER A 152 -24.66 -2.96 5.87
CA SER A 152 -26.10 -2.77 5.56
C SER A 152 -26.47 -1.29 5.66
N LYS A 153 -27.66 -0.92 5.18
CA LYS A 153 -28.21 0.47 5.26
C LYS A 153 -29.74 0.43 5.08
N ASP A 160 -28.90 -5.04 0.30
CA ASP A 160 -29.18 -3.64 0.71
C ASP A 160 -27.92 -3.02 1.32
N LEU A 161 -26.81 -3.03 0.58
CA LEU A 161 -25.47 -2.60 1.08
C LEU A 161 -25.09 -1.27 0.40
N TYR A 162 -24.10 -0.58 0.94
CA TYR A 162 -23.45 0.60 0.31
C TYR A 162 -22.71 0.12 -0.94
N ASP A 163 -22.47 0.99 -1.92
CA ASP A 163 -21.80 0.60 -3.19
C ASP A 163 -20.29 0.53 -2.97
N THR A 164 -19.73 1.44 -2.16
CA THR A 164 -18.29 1.53 -1.86
C THR A 164 -18.16 2.00 -0.41
N VAL A 165 -16.97 1.88 0.16
CA VAL A 165 -16.62 2.56 1.44
C VAL A 165 -15.50 3.57 1.12
N THR A 166 -15.42 4.63 1.89
CA THR A 166 -14.43 5.72 1.71
C THR A 166 -13.77 5.94 3.07
N ASP A 167 -12.71 6.74 3.10
CA ASP A 167 -12.00 7.13 4.33
C ASP A 167 -12.78 8.27 5.01
N ASN A 168 -13.46 9.11 4.25
CA ASN A 168 -14.12 10.34 4.76
C ASN A 168 -15.31 10.68 3.86
N VAL A 169 -16.51 10.55 4.40
CA VAL A 169 -17.77 10.60 3.61
C VAL A 169 -17.91 11.98 2.96
N HIS A 170 -17.51 13.06 3.63
CA HIS A 170 -17.74 14.45 3.12
C HIS A 170 -16.50 14.98 2.39
N HIS A 171 -15.28 14.51 2.70
CA HIS A 171 -14.05 14.89 1.96
C HIS A 171 -13.27 13.63 1.58
N PRO A 172 -13.77 12.82 0.61
CA PRO A 172 -13.12 11.55 0.26
C PRO A 172 -11.74 11.75 -0.38
N SER A 173 -10.79 10.90 -0.03
CA SER A 173 -9.49 10.77 -0.74
C SER A 173 -9.29 9.34 -1.28
N LEU A 174 -10.03 8.34 -0.79
CA LEU A 174 -9.96 7.01 -1.40
C LEU A 174 -11.26 6.25 -1.20
N PHE A 175 -11.56 5.40 -2.16
CA PHE A 175 -12.77 4.55 -2.21
C PHE A 175 -12.31 3.12 -2.29
N VAL A 176 -13.07 2.22 -1.67
CA VAL A 176 -12.87 0.75 -1.80
C VAL A 176 -14.12 0.13 -2.41
N ALA A 177 -13.94 -0.52 -3.55
CA ALA A 177 -14.92 -1.35 -4.29
C ALA A 177 -14.66 -2.84 -4.02
N PHE A 178 -15.73 -3.59 -3.76
CA PHE A 178 -15.71 -5.04 -3.44
C PHE A 178 -16.37 -5.89 -4.53
N TYR A 179 -17.15 -5.30 -5.45
CA TYR A 179 -17.99 -6.05 -6.41
C TYR A 179 -17.34 -6.11 -7.80
N ASP A 180 -17.65 -7.18 -8.53
CA ASP A 180 -17.14 -7.40 -9.91
C ASP A 180 -17.70 -6.29 -10.81
N TYR A 181 -16.92 -5.91 -11.84
CA TYR A 181 -17.37 -5.01 -12.93
C TYR A 181 -17.85 -3.66 -12.35
N GLN A 182 -17.32 -3.27 -11.20
CA GLN A 182 -17.61 -1.96 -10.57
C GLN A 182 -16.61 -0.90 -11.05
N ALA A 183 -15.60 -1.29 -11.84
CA ALA A 183 -14.51 -0.39 -12.22
C ALA A 183 -14.06 -0.69 -13.65
N TYR A 184 -13.76 0.34 -14.44
CA TYR A 184 -13.26 0.11 -15.81
C TYR A 184 -11.92 0.80 -15.96
N PRO A 185 -10.86 0.05 -16.33
CA PRO A 185 -9.50 0.59 -16.41
C PRO A 185 -9.31 1.33 -17.73
N GLU A 186 -9.94 2.49 -17.86
CA GLU A 186 -10.13 3.14 -19.17
C GLU A 186 -8.78 3.61 -19.71
N TYR A 187 -7.94 4.22 -18.88
CA TYR A 187 -6.67 4.82 -19.32
C TYR A 187 -5.53 4.31 -18.45
N LEU A 188 -4.39 4.04 -19.10
CA LEU A 188 -3.13 3.63 -18.45
C LEU A 188 -2.14 4.77 -18.67
N ILE A 189 -1.63 5.33 -17.57
CA ILE A 189 -0.58 6.38 -17.58
C ILE A 189 0.75 5.69 -17.22
N THR A 190 1.72 5.72 -18.15
CA THR A 190 3.11 5.28 -17.94
C THR A 190 3.94 6.55 -17.72
N PHE A 191 4.67 6.63 -16.61
CA PHE A 191 5.42 7.85 -16.24
C PHE A 191 6.66 7.47 -15.44
N ARG A 192 7.53 8.43 -15.18
CA ARG A 192 8.80 8.22 -14.43
C ARG A 192 9.05 9.42 -13.53
N LYS A 193 9.87 9.21 -12.49
CA LYS A 193 10.47 10.32 -11.69
C LYS A 193 11.15 11.32 -12.64
N MET B 4 28.21 4.78 15.46
CA MET B 4 29.00 5.81 14.75
C MET B 4 28.43 5.99 13.34
N LYS B 5 28.99 5.35 12.30
CA LYS B 5 28.86 5.85 10.91
C LYS B 5 28.56 4.75 9.87
N GLN B 6 29.32 3.67 9.75
CA GLN B 6 29.13 2.69 8.63
C GLN B 6 27.84 1.88 8.80
N GLN B 7 27.47 1.53 10.03
CA GLN B 7 26.24 0.73 10.33
C GLN B 7 26.36 -0.64 9.63
N ASN B 8 27.55 -1.25 9.70
CA ASN B 8 27.73 -2.67 9.31
C ASN B 8 26.84 -3.53 10.20
N PHE B 9 26.51 -4.72 9.73
CA PHE B 9 25.51 -5.58 10.39
C PHE B 9 25.81 -7.04 10.10
N CYS B 10 25.25 -7.87 10.97
CA CYS B 10 25.36 -9.34 10.96
C CYS B 10 23.94 -9.87 10.98
N VAL B 11 23.72 -10.96 10.27
CA VAL B 11 22.38 -11.60 10.17
C VAL B 11 22.49 -12.99 10.80
N VAL B 12 21.78 -13.18 11.91
CA VAL B 12 21.87 -14.42 12.72
C VAL B 12 20.57 -15.18 12.59
N GLU B 13 20.62 -16.32 11.94
CA GLU B 13 19.40 -17.14 11.82
C GLU B 13 19.10 -17.73 13.20
N LEU B 14 17.85 -17.67 13.63
CA LEU B 14 17.41 -18.30 14.91
C LEU B 14 16.94 -19.72 14.61
N LEU B 15 17.36 -20.68 15.42
CA LEU B 15 16.80 -22.06 15.41
C LEU B 15 15.37 -21.98 15.93
N PRO B 16 14.42 -22.69 15.29
CA PRO B 16 13.08 -22.87 15.85
C PRO B 16 13.06 -23.47 17.28
N SER B 17 14.20 -23.99 17.75
CA SER B 17 14.35 -24.53 19.13
C SER B 17 14.77 -23.41 20.10
N ASP B 18 15.01 -22.19 19.60
CA ASP B 18 15.48 -21.04 20.40
C ASP B 18 14.27 -20.29 20.94
N PRO B 19 14.19 -20.01 22.26
CA PRO B 19 13.09 -19.23 22.83
C PRO B 19 12.81 -17.91 22.08
N GLU B 20 13.84 -17.28 21.52
CA GLU B 20 13.69 -15.98 20.82
C GLU B 20 12.86 -16.21 19.55
N TYR B 21 13.12 -17.31 18.83
CA TYR B 21 12.27 -17.73 17.67
C TYR B 21 10.84 -17.92 18.17
N ASN B 22 10.67 -18.66 19.27
CA ASN B 22 9.31 -19.00 19.79
C ASN B 22 8.55 -17.68 20.02
N THR B 23 9.21 -16.69 20.66
CA THR B 23 8.58 -15.39 21.03
C THR B 23 8.14 -14.66 19.75
N VAL B 24 9.02 -14.56 18.75
CA VAL B 24 8.69 -13.80 17.51
C VAL B 24 7.60 -14.57 16.76
N ALA B 25 7.74 -15.90 16.61
CA ALA B 25 6.75 -16.74 15.89
C ALA B 25 5.38 -16.58 16.56
N SER B 26 5.33 -16.55 17.88
CA SER B 26 4.08 -16.43 18.67
C SER B 26 3.35 -15.14 18.27
N LYS B 27 4.05 -13.99 18.28
CA LYS B 27 3.42 -12.70 17.89
C LYS B 27 2.95 -12.74 16.44
N PHE B 28 3.79 -13.24 15.53
CA PHE B 28 3.44 -13.35 14.10
C PHE B 28 2.18 -14.24 13.97
N ASN B 29 2.17 -15.37 14.68
CA ASN B 29 1.12 -16.40 14.53
C ASN B 29 -0.23 -15.90 15.08
N GLN B 30 -0.26 -14.83 15.88
CA GLN B 30 -1.53 -14.27 16.37
C GLN B 30 -2.45 -13.99 15.18
N THR B 31 -1.91 -13.57 14.04
CA THR B 31 -2.73 -13.19 12.86
C THR B 31 -2.28 -13.89 11.58
N CYS B 32 -1.12 -14.56 11.57
CA CYS B 32 -0.52 -15.13 10.34
C CYS B 32 -0.23 -16.62 10.49
N SER B 33 -0.99 -17.33 11.30
CA SER B 33 -0.81 -18.79 11.57
C SER B 33 -1.00 -19.58 10.28
N HIS B 34 -1.76 -19.07 9.31
CA HIS B 34 -2.02 -19.78 8.03
C HIS B 34 -0.79 -19.72 7.12
N PHE B 35 0.16 -18.83 7.36
CA PHE B 35 1.41 -18.75 6.58
C PHE B 35 2.40 -19.79 7.13
N ARG B 36 3.41 -20.10 6.34
CA ARG B 36 4.53 -20.95 6.79
C ARG B 36 5.78 -20.09 6.93
N ILE B 37 6.41 -20.13 8.11
CA ILE B 37 7.69 -19.42 8.43
C ILE B 37 8.84 -20.28 7.93
N GLU B 38 9.67 -19.73 7.03
CA GLU B 38 10.87 -20.43 6.51
C GLU B 38 12.05 -20.15 7.44
N LYS B 39 12.15 -18.92 7.94
CA LYS B 39 13.20 -18.56 8.91
C LYS B 39 12.89 -17.23 9.59
N ILE B 40 13.52 -17.07 10.73
CA ILE B 40 13.53 -15.80 11.50
C ILE B 40 14.99 -15.49 11.78
N GLU B 41 15.38 -14.27 11.44
CA GLU B 41 16.76 -13.76 11.58
C GLU B 41 16.76 -12.59 12.55
N ARG B 42 17.77 -12.53 13.41
CA ARG B 42 18.05 -11.35 14.26
C ARG B 42 19.06 -10.50 13.47
N ILE B 43 18.76 -9.22 13.30
CA ILE B 43 19.67 -8.22 12.67
C ILE B 43 20.46 -7.52 13.76
N GLN B 44 21.79 -7.69 13.71
CA GLN B 44 22.77 -7.15 14.69
C GLN B 44 23.53 -6.00 14.03
N ASN B 45 23.17 -4.77 14.38
CA ASN B 45 23.75 -3.55 13.80
C ASN B 45 24.05 -2.61 14.98
N PRO B 46 25.26 -2.73 15.55
CA PRO B 46 25.61 -1.97 16.77
C PRO B 46 25.45 -0.45 16.64
N ASP B 47 25.91 0.14 15.52
CA ASP B 47 25.77 1.59 15.23
C ASP B 47 24.28 1.98 15.18
N LEU B 48 23.48 1.29 14.38
CA LEU B 48 22.02 1.61 14.26
C LEU B 48 21.33 1.39 15.62
N TRP B 49 21.71 0.35 16.34
CA TRP B 49 21.19 0.04 17.68
C TRP B 49 21.51 1.18 18.66
N ASN B 50 22.80 1.60 18.72
CA ASN B 50 23.25 2.68 19.63
C ASN B 50 22.47 3.95 19.31
N SER B 51 22.34 4.30 18.04
CA SER B 51 21.58 5.49 17.57
C SER B 51 20.12 5.41 18.02
N TYR B 52 19.53 4.22 17.90
CA TYR B 52 18.12 3.95 18.31
C TYR B 52 18.00 4.16 19.83
N GLN B 53 18.89 3.54 20.59
CA GLN B 53 18.87 3.57 22.07
C GLN B 53 19.06 5.00 22.57
N ALA B 54 19.88 5.81 21.90
CA ALA B 54 20.09 7.25 22.21
C ALA B 54 18.76 7.98 22.01
N LYS B 55 18.02 7.68 20.93
CA LYS B 55 16.70 8.32 20.68
C LYS B 55 15.75 7.88 21.80
N LYS B 56 15.81 6.62 22.18
CA LYS B 56 14.89 6.07 23.19
C LYS B 56 15.17 6.75 24.54
N LYS B 57 16.43 6.88 24.92
CA LYS B 57 16.85 7.52 26.19
C LYS B 57 16.25 8.93 26.22
N THR B 58 16.49 9.73 25.18
CA THR B 58 15.96 11.10 25.06
C THR B 58 14.44 11.08 25.25
N MET B 59 13.74 10.16 24.59
CA MET B 59 12.26 10.10 24.58
C MET B 59 11.77 9.68 25.97
N ASP B 60 12.43 8.70 26.59
CA ASP B 60 12.11 8.20 27.94
C ASP B 60 12.21 9.37 28.93
N ALA B 61 13.15 10.31 28.74
CA ALA B 61 13.38 11.46 29.65
C ALA B 61 12.39 12.60 29.35
N LYS B 62 11.58 12.50 28.31
CA LYS B 62 10.69 13.59 27.83
C LYS B 62 9.22 13.24 28.13
N ASN B 63 8.84 11.96 28.05
CA ASN B 63 7.43 11.53 27.91
C ASN B 63 6.86 10.97 29.20
N GLY B 64 7.59 11.12 30.31
CA GLY B 64 7.10 10.81 31.66
C GLY B 64 6.82 9.33 31.82
N GLN B 65 5.59 8.95 32.20
CA GLN B 65 5.16 7.53 32.39
C GLN B 65 4.93 6.79 31.05
N THR B 66 4.97 7.49 29.92
CA THR B 66 4.65 6.85 28.61
C THR B 66 5.59 5.67 28.39
N MET B 67 5.04 4.51 28.06
CA MET B 67 5.81 3.38 27.46
C MET B 67 6.05 3.74 25.99
N ASN B 68 7.25 4.22 25.68
CA ASN B 68 7.59 4.85 24.37
C ASN B 68 7.76 3.79 23.28
N GLU B 69 8.02 2.54 23.64
CA GLU B 69 8.43 1.51 22.65
C GLU B 69 7.29 0.53 22.43
N LYS B 70 7.05 0.18 21.16
CA LYS B 70 6.19 -0.95 20.77
C LYS B 70 6.94 -1.81 19.77
N GLN B 71 6.63 -3.09 19.74
CA GLN B 71 7.15 -3.98 18.67
C GLN B 71 6.04 -4.12 17.64
N LEU B 72 6.30 -3.65 16.41
CA LEU B 72 5.34 -3.54 15.29
C LEU B 72 5.91 -4.24 14.05
N PHE B 73 5.07 -4.47 13.04
CA PHE B 73 5.41 -5.25 11.83
C PHE B 73 5.58 -4.27 10.66
N HIS B 74 6.49 -4.58 9.73
CA HIS B 74 6.74 -3.78 8.50
C HIS B 74 7.04 -4.74 7.35
N GLY B 75 6.22 -4.72 6.31
CA GLY B 75 6.47 -5.52 5.10
C GLY B 75 7.46 -4.81 4.19
N THR B 76 8.35 -5.56 3.57
CA THR B 76 9.30 -5.02 2.56
C THR B 76 9.33 -6.02 1.40
N ASP B 77 9.80 -5.56 0.27
CA ASP B 77 10.18 -6.49 -0.83
C ASP B 77 11.53 -7.12 -0.49
N ALA B 78 11.91 -8.16 -1.21
CA ALA B 78 13.14 -8.93 -0.96
C ALA B 78 14.32 -8.00 -1.15
N GLY B 79 14.26 -7.17 -2.18
CA GLY B 79 15.37 -6.27 -2.58
C GLY B 79 15.75 -5.24 -1.53
N SER B 80 14.83 -4.83 -0.67
CA SER B 80 15.10 -3.77 0.33
C SER B 80 15.79 -4.31 1.59
N VAL B 81 15.86 -5.64 1.77
CA VAL B 81 16.30 -6.24 3.07
C VAL B 81 17.70 -5.75 3.41
N PRO B 82 18.67 -5.78 2.48
CA PRO B 82 20.03 -5.31 2.80
C PRO B 82 20.10 -3.82 3.15
N HIS B 83 19.28 -2.99 2.50
CA HIS B 83 19.17 -1.55 2.79
C HIS B 83 18.62 -1.33 4.21
N VAL B 84 17.56 -2.02 4.60
CA VAL B 84 16.90 -1.87 5.93
C VAL B 84 17.84 -2.43 7.01
N ASN B 85 18.53 -3.54 6.74
CA ASN B 85 19.49 -4.14 7.71
C ASN B 85 20.58 -3.12 8.07
N ARG B 86 21.04 -2.31 7.11
CA ARG B 86 22.11 -1.29 7.31
C ARG B 86 21.52 0.00 7.87
N ASN B 87 20.44 0.48 7.25
CA ASN B 87 19.96 1.88 7.41
C ASN B 87 18.74 1.96 8.33
N GLY B 88 18.15 0.83 8.72
CA GLY B 88 16.82 0.83 9.35
C GLY B 88 15.81 1.45 8.40
N PHE B 89 14.93 2.34 8.88
CA PHE B 89 13.85 2.96 8.07
C PHE B 89 14.09 4.45 7.88
N ASN B 90 15.32 4.91 8.14
CA ASN B 90 15.78 6.29 7.82
C ASN B 90 15.58 6.57 6.33
N ARG B 91 15.07 7.76 5.98
CA ARG B 91 14.65 8.07 4.57
C ARG B 91 15.74 8.91 3.91
N GLY B 104 6.74 9.40 5.78
CA GLY B 104 7.09 8.59 6.96
C GLY B 104 7.01 7.09 6.66
N THR B 105 7.23 6.24 7.68
CA THR B 105 7.21 4.76 7.54
C THR B 105 6.03 4.21 8.33
N TYR B 106 5.30 3.27 7.74
CA TYR B 106 4.10 2.62 8.31
C TYR B 106 4.51 1.36 9.06
N PHE B 107 4.00 1.23 10.27
CA PHE B 107 4.16 0.02 11.12
C PHE B 107 2.80 -0.44 11.59
N ALA B 108 2.59 -1.74 11.49
CA ALA B 108 1.31 -2.42 11.75
C ALA B 108 1.36 -3.08 13.12
N VAL B 109 0.28 -2.99 13.88
CA VAL B 109 0.15 -3.71 15.17
C VAL B 109 0.09 -5.22 14.88
N ASN B 110 -0.64 -5.63 13.85
CA ASN B 110 -0.84 -7.05 13.52
C ASN B 110 -0.07 -7.39 12.26
N ALA B 111 0.56 -8.55 12.26
CA ALA B 111 1.42 -9.02 11.15
C ALA B 111 0.61 -9.17 9.88
N ASN B 112 -0.68 -9.52 9.98
CA ASN B 112 -1.49 -9.87 8.78
C ASN B 112 -1.65 -8.64 7.88
N TYR B 113 -1.59 -7.43 8.45
CA TYR B 113 -1.63 -6.16 7.70
C TYR B 113 -0.37 -6.04 6.83
N SER B 114 0.81 -6.24 7.44
CA SER B 114 2.14 -6.23 6.75
C SER B 114 2.27 -7.40 5.75
N ALA B 115 1.58 -8.52 6.01
CA ALA B 115 1.61 -9.76 5.20
C ALA B 115 0.81 -9.60 3.90
N ASN B 116 0.02 -8.53 3.75
CA ASN B 116 -0.61 -8.18 2.46
C ASN B 116 0.49 -8.14 1.39
N ASP B 117 0.22 -8.69 0.20
CA ASP B 117 1.20 -8.78 -0.92
C ASP B 117 1.68 -7.39 -1.35
N THR B 118 0.89 -6.33 -1.12
CA THR B 118 1.29 -4.96 -1.49
C THR B 118 2.48 -4.52 -0.63
N TYR B 119 2.58 -4.95 0.63
CA TYR B 119 3.60 -4.49 1.61
C TYR B 119 4.76 -5.50 1.69
N SER B 120 4.48 -6.80 1.72
CA SER B 120 5.50 -7.88 1.68
C SER B 120 5.41 -8.62 0.35
N ARG B 121 5.89 -7.97 -0.70
CA ARG B 121 5.80 -8.45 -2.10
C ARG B 121 6.47 -9.83 -2.20
N PRO B 122 5.73 -10.88 -2.63
CA PRO B 122 6.33 -12.19 -2.83
C PRO B 122 7.44 -12.06 -3.88
N ASP B 123 8.63 -12.60 -3.62
CA ASP B 123 9.77 -12.48 -4.56
C ASP B 123 9.62 -13.55 -5.66
N ALA B 124 10.59 -13.63 -6.57
CA ALA B 124 10.60 -14.58 -7.71
C ALA B 124 10.38 -16.03 -7.23
N ASN B 125 10.59 -16.36 -5.95
CA ASN B 125 10.42 -17.74 -5.40
C ASN B 125 9.18 -17.86 -4.49
N GLY B 126 8.37 -16.81 -4.37
CA GLY B 126 7.16 -16.80 -3.52
C GLY B 126 7.45 -16.43 -2.07
N ARG B 127 8.66 -16.02 -1.73
CA ARG B 127 9.03 -15.71 -0.32
C ARG B 127 8.62 -14.27 -0.01
N LYS B 128 8.03 -14.11 1.16
CA LYS B 128 7.59 -12.80 1.71
C LYS B 128 8.45 -12.46 2.92
N HIS B 129 8.59 -11.16 3.18
CA HIS B 129 9.51 -10.59 4.19
C HIS B 129 8.77 -9.55 5.02
N VAL B 130 8.71 -9.81 6.32
CA VAL B 130 8.16 -8.86 7.32
C VAL B 130 9.13 -8.79 8.49
N TYR B 131 9.51 -7.58 8.84
CA TYR B 131 10.33 -7.23 10.03
C TYR B 131 9.42 -7.05 11.25
N TYR B 132 9.91 -7.49 12.40
CA TYR B 132 9.32 -7.27 13.74
C TYR B 132 10.25 -6.25 14.41
N VAL B 133 9.76 -5.02 14.47
CA VAL B 133 10.56 -3.78 14.60
C VAL B 133 10.25 -3.18 15.95
N ARG B 134 11.29 -2.73 16.64
CA ARG B 134 11.16 -1.87 17.84
C ARG B 134 10.93 -0.45 17.32
N VAL B 135 9.84 0.16 17.73
CA VAL B 135 9.42 1.49 17.24
C VAL B 135 9.13 2.37 18.46
N LEU B 136 9.72 3.56 18.45
CA LEU B 136 9.44 4.60 19.46
C LEU B 136 8.18 5.34 19.06
N THR B 137 7.03 4.75 19.37
CA THR B 137 5.68 5.35 19.15
C THR B 137 5.49 6.57 20.06
N GLY B 138 6.10 6.56 21.26
CA GLY B 138 6.00 7.67 22.23
C GLY B 138 4.58 8.17 22.39
N ILE B 139 4.39 9.48 22.24
CA ILE B 139 3.08 10.18 22.35
C ILE B 139 2.54 10.41 20.94
N TYR B 140 1.38 9.87 20.65
CA TYR B 140 0.83 9.83 19.28
C TYR B 140 -0.57 10.45 19.25
N THR B 141 -0.95 10.94 18.07
CA THR B 141 -2.27 11.54 17.80
C THR B 141 -2.78 10.97 16.48
N HIS B 142 -4.08 11.14 16.21
CA HIS B 142 -4.72 10.85 14.91
C HIS B 142 -3.96 11.60 13.82
N GLY B 143 -3.66 10.92 12.70
CA GLY B 143 -2.98 11.51 11.54
C GLY B 143 -3.95 11.85 10.43
N LEU B 161 6.02 18.65 18.96
CA LEU B 161 5.45 17.71 17.96
C LEU B 161 5.16 16.35 18.63
N TYR B 162 4.15 15.63 18.15
CA TYR B 162 3.89 14.20 18.47
C TYR B 162 5.04 13.34 17.93
N ASP B 163 5.24 12.16 18.51
CA ASP B 163 6.38 11.27 18.11
C ASP B 163 5.99 10.46 16.87
N THR B 164 4.73 10.05 16.78
CA THR B 164 4.15 9.28 15.66
C THR B 164 2.69 9.70 15.51
N VAL B 165 2.06 9.33 14.39
CA VAL B 165 0.58 9.44 14.22
C VAL B 165 0.03 8.03 14.00
N THR B 166 -1.21 7.82 14.38
CA THR B 166 -1.90 6.51 14.31
C THR B 166 -3.20 6.72 13.55
N ASP B 167 -3.84 5.63 13.12
CA ASP B 167 -5.17 5.64 12.48
C ASP B 167 -6.24 5.92 13.56
N ASN B 168 -6.01 5.48 14.80
CA ASN B 168 -7.05 5.51 15.86
C ASN B 168 -6.36 5.53 17.23
N VAL B 169 -6.37 6.69 17.90
CA VAL B 169 -5.61 6.89 19.17
C VAL B 169 -6.08 5.87 20.21
N HIS B 170 -7.37 5.50 20.22
CA HIS B 170 -7.96 4.63 21.28
C HIS B 170 -7.68 3.15 21.00
N HIS B 171 -7.78 2.69 19.76
CA HIS B 171 -7.49 1.29 19.35
C HIS B 171 -6.58 1.31 18.12
N PRO B 172 -5.27 1.58 18.26
CA PRO B 172 -4.37 1.67 17.09
C PRO B 172 -4.25 0.37 16.31
N SER B 173 -4.21 0.47 14.98
CA SER B 173 -3.86 -0.64 14.06
C SER B 173 -2.56 -0.31 13.31
N LEU B 174 -2.24 0.96 13.11
CA LEU B 174 -0.94 1.29 12.48
C LEU B 174 -0.43 2.64 13.00
N PHE B 175 0.90 2.76 12.93
CA PHE B 175 1.66 3.96 13.33
C PHE B 175 2.53 4.40 12.17
N VAL B 176 2.69 5.72 12.03
CA VAL B 176 3.65 6.32 11.07
C VAL B 176 4.71 7.05 11.89
N ALA B 177 5.98 6.70 11.65
CA ALA B 177 7.21 7.36 12.17
C ALA B 177 7.84 8.24 11.08
N PHE B 178 8.33 9.42 11.46
CA PHE B 178 8.92 10.43 10.55
C PHE B 178 10.41 10.63 10.80
N TYR B 179 10.91 10.33 12.00
CA TYR B 179 12.26 10.74 12.47
C TYR B 179 13.29 9.62 12.25
N ASP B 180 14.53 10.07 12.11
CA ASP B 180 15.73 9.21 11.98
C ASP B 180 15.87 8.40 13.27
N TYR B 181 16.21 7.11 13.12
CA TYR B 181 16.62 6.22 14.23
C TYR B 181 15.46 6.07 15.22
N GLN B 182 14.22 6.10 14.71
CA GLN B 182 13.00 5.94 15.53
C GLN B 182 12.55 4.49 15.53
N ALA B 183 13.23 3.62 14.77
CA ALA B 183 12.83 2.21 14.64
C ALA B 183 14.07 1.35 14.44
N TYR B 184 14.08 0.17 15.06
CA TYR B 184 15.18 -0.80 14.89
C TYR B 184 14.62 -2.08 14.29
N PRO B 185 15.17 -2.55 13.14
CA PRO B 185 14.65 -3.72 12.45
C PRO B 185 15.22 -5.00 13.10
N GLU B 186 14.73 -5.30 14.29
CA GLU B 186 15.37 -6.35 15.14
C GLU B 186 15.26 -7.73 14.48
N TYR B 187 14.09 -8.07 13.95
CA TYR B 187 13.86 -9.44 13.43
C TYR B 187 13.30 -9.37 12.03
N LEU B 188 13.81 -10.22 11.15
CA LEU B 188 13.28 -10.45 9.80
C LEU B 188 12.61 -11.83 9.74
N ILE B 189 11.33 -11.86 9.37
CA ILE B 189 10.53 -13.11 9.20
C ILE B 189 10.42 -13.36 7.69
N THR B 190 11.02 -14.45 7.20
CA THR B 190 10.83 -14.93 5.80
C THR B 190 9.78 -16.04 5.84
N PHE B 191 8.73 -15.90 5.02
CA PHE B 191 7.57 -16.81 5.11
C PHE B 191 6.93 -16.94 3.72
N ARG B 192 6.08 -17.95 3.59
CA ARG B 192 5.38 -18.24 2.32
C ARG B 192 3.93 -18.59 2.62
N LYS B 193 3.10 -18.40 1.60
CA LYS B 193 1.69 -18.83 1.57
C LYS B 193 1.66 -20.35 1.68
C4 I1Q C . -3.96 0.94 -1.92
C5 I1Q C . -3.97 2.13 -2.62
C6 I1Q C . -4.12 3.36 -1.96
C7 I1Q C . -4.25 3.40 -0.58
C8 I1Q C . -3.84 3.66 -4.34
C9 I1Q C . -3.62 1.65 -5.13
N1 I1Q C . -3.66 3.78 -5.62
N2 I1Q C . -3.53 2.50 -6.13
C3 I1Q C . -4.10 1.00 -0.54
N3 I1Q C . -3.82 2.33 -4.00
C1 I1Q C . -4.41 2.24 1.64
C2 I1Q C . -4.25 2.21 0.14
S1 I1Q C . -4.10 4.77 -3.02
CL CL D . -0.91 -5.77 -22.64
C4 I1Q E . 1.94 0.80 4.53
C5 I1Q E . 1.82 -0.26 5.41
C6 I1Q E . 0.61 -0.51 6.07
C7 I1Q E . -0.49 0.31 5.83
C8 I1Q E . 2.29 -2.12 6.67
C9 I1Q E . 4.06 -1.55 5.53
N1 I1Q E . 3.23 -2.98 6.97
N2 I1Q E . 4.36 -2.60 6.23
C3 I1Q E . 0.83 1.61 4.31
N3 I1Q E . 2.78 -1.21 5.78
C1 I1Q E . -1.58 2.26 4.67
C2 I1Q E . -0.39 1.37 4.94
S1 I1Q E . 0.65 -1.90 7.14
CL CL F . 21.83 -8.94 3.86
O1 PG4 G . 19.22 -10.49 21.20
C1 PG4 G . 19.66 -9.16 20.95
C2 PG4 G . 18.56 -8.29 20.41
O2 PG4 G . 18.85 -7.89 19.07
C3 PG4 G . 18.96 -6.48 18.88
C4 PG4 G . 20.29 -5.98 19.36
O3 PG4 G . 21.23 -6.02 18.28
C5 PG4 G . 22.16 -4.93 18.31
C6 PG4 G . 23.43 -5.33 17.62
O4 PG4 G . 24.33 -5.90 18.56
C7 PG4 G . 25.42 -5.06 18.92
C8 PG4 G . 25.14 -4.38 20.21
O5 PG4 G . 25.32 -2.98 20.12
#